data_5WB1
#
_entry.id   5WB1
#
_cell.length_a   77.600
_cell.length_b   38.300
_cell.length_c   99.800
_cell.angle_alpha   90.00
_cell.angle_beta   107.40
_cell.angle_gamma   90.00
#
_symmetry.space_group_name_H-M   'P 1 21 1'
#
_entity_poly.entity_id   1
_entity_poly.type   'polypeptide(L)'
_entity_poly.pdbx_seq_one_letter_code
;DYKDDDDAMTPTTTTAELTTEFDYDEDATPCVFTDVLNQSKPVTLFLYGVVFLFGSIGNFLVIFTITWRRRIQCSGDVYF
INLAAADLLFVCTLPLWMQYLLDHNSLASVPCTLLTACFYVAMFASLCFITEIALDRYYAIVYMRYRPVKQACLFSIFWW
IFAVIIAIPHFMVVTKKDNQCMTDYDYLEVSYPIILNVELMLGAFVIPLSVISYCYYRISRIVAVSQSRHKGRIVRVLIA
VVLVFIIFWLPYHLTLFVDTLKLLKWISSSCEFERSLKRALILTESLAFCHCCLNPLLYVFVGTKFRQELHCLLAEFRLV
PRGSGGSGGSLVPRGSQVQLVESGGGLVRPGGSLRLSCAASGSIFTIYAMGWYRQAPGKQRELVARITFGGDTNYADSVK
GRFTISRDNAKNAVYLQMNSLKPEDTAVYYCNAEETIVEEADYWGQGTQVTVSSRLEV
;
_entity_poly.pdbx_strand_id   A
#
# COMPACT_ATOMS: atom_id res chain seq x y z
N PRO A 30 -32.36 -15.55 -31.68
CA PRO A 30 -30.99 -15.08 -31.46
C PRO A 30 -30.94 -13.58 -31.17
N CYS A 31 -29.73 -13.02 -31.17
CA CYS A 31 -29.50 -11.60 -30.95
C CYS A 31 -28.05 -11.25 -31.25
N VAL A 32 -27.81 -10.44 -32.27
CA VAL A 32 -26.47 -10.15 -32.76
C VAL A 32 -25.88 -8.97 -32.00
N PHE A 33 -24.56 -9.01 -31.81
CA PHE A 33 -23.82 -7.96 -31.12
C PHE A 33 -22.58 -7.55 -31.89
N THR A 34 -22.57 -7.75 -33.22
CA THR A 34 -21.36 -7.60 -34.00
C THR A 34 -20.91 -6.14 -34.11
N ASP A 35 -21.86 -5.20 -34.16
CA ASP A 35 -21.49 -3.81 -34.37
C ASP A 35 -21.10 -3.11 -33.08
N VAL A 36 -21.68 -3.53 -31.96
CA VAL A 36 -21.37 -2.88 -30.68
C VAL A 36 -19.93 -3.14 -30.28
N LEU A 37 -19.45 -4.37 -30.47
CA LEU A 37 -18.08 -4.69 -30.09
C LEU A 37 -17.06 -4.00 -30.98
N ASN A 38 -17.37 -3.86 -32.28
CA ASN A 38 -16.41 -3.27 -33.20
C ASN A 38 -16.29 -1.76 -33.01
N GLN A 39 -17.37 -1.10 -32.56
CA GLN A 39 -17.33 0.34 -32.34
C GLN A 39 -16.74 0.72 -30.98
N SER A 40 -16.89 -0.15 -29.98
CA SER A 40 -16.29 0.08 -28.68
C SER A 40 -14.82 -0.32 -28.64
N LYS A 41 -14.39 -1.18 -29.56
CA LYS A 41 -13.02 -1.70 -29.52
C LYS A 41 -11.96 -0.61 -29.65
N PRO A 42 -12.05 0.35 -30.60
CA PRO A 42 -11.00 1.37 -30.68
C PRO A 42 -10.90 2.25 -29.45
N VAL A 43 -12.03 2.58 -28.82
CA VAL A 43 -12.00 3.34 -27.57
C VAL A 43 -11.35 2.51 -26.46
N THR A 44 -11.67 1.22 -26.41
CA THR A 44 -11.12 0.36 -25.37
C THR A 44 -9.62 0.15 -25.55
N LEU A 45 -9.17 0.04 -26.81
CA LEU A 45 -7.75 -0.22 -27.06
C LEU A 45 -6.88 0.95 -26.61
N PHE A 46 -7.38 2.18 -26.76
CA PHE A 46 -6.61 3.34 -26.32
C PHE A 46 -6.45 3.36 -24.81
N LEU A 47 -7.56 3.19 -24.08
CA LEU A 47 -7.48 3.21 -22.62
C LEU A 47 -6.64 2.06 -22.08
N TYR A 48 -6.70 0.91 -22.74
CA TYR A 48 -5.83 -0.20 -22.36
C TYR A 48 -4.36 0.21 -22.44
N GLY A 49 -3.97 0.84 -23.54
CA GLY A 49 -2.61 1.33 -23.65
C GLY A 49 -2.28 2.39 -22.62
N VAL A 50 -3.27 3.24 -22.31
CA VAL A 50 -3.07 4.24 -21.26
C VAL A 50 -2.88 3.57 -19.91
N VAL A 51 -3.78 2.64 -19.58
CA VAL A 51 -3.65 1.90 -18.32
C VAL A 51 -2.36 1.11 -18.29
N PHE A 52 -1.97 0.53 -19.44
CA PHE A 52 -0.72 -0.23 -19.48
C PHE A 52 0.49 0.67 -19.34
N LEU A 53 0.43 1.89 -19.87
CA LEU A 53 1.58 2.79 -19.82
C LEU A 53 1.83 3.27 -18.39
N PHE A 54 0.83 3.94 -17.81
CA PHE A 54 1.01 4.52 -16.47
C PHE A 54 0.97 3.48 -15.37
N GLY A 55 0.21 2.40 -15.56
CA GLY A 55 0.13 1.38 -14.53
C GLY A 55 1.44 0.61 -14.36
N SER A 56 2.12 0.34 -15.47
CA SER A 56 3.36 -0.42 -15.39
C SER A 56 4.50 0.44 -14.85
N ILE A 57 4.53 1.72 -15.23
CA ILE A 57 5.58 2.61 -14.76
C ILE A 57 5.40 2.90 -13.27
N GLY A 58 4.19 3.29 -12.87
CA GLY A 58 3.96 3.66 -11.48
C GLY A 58 4.15 2.51 -10.52
N ASN A 59 3.70 1.31 -10.90
CA ASN A 59 3.83 0.16 -10.02
C ASN A 59 5.23 -0.43 -10.02
N PHE A 60 6.02 -0.19 -11.07
CA PHE A 60 7.44 -0.55 -11.00
C PHE A 60 8.19 0.40 -10.07
N LEU A 61 7.86 1.69 -10.13
CA LEU A 61 8.54 2.66 -9.27
C LEU A 61 8.29 2.37 -7.80
N VAL A 62 7.09 1.90 -7.47
CA VAL A 62 6.79 1.55 -6.08
C VAL A 62 7.76 0.50 -5.58
N ILE A 63 7.79 -0.66 -6.25
CA ILE A 63 8.70 -1.73 -5.86
C ILE A 63 10.14 -1.23 -5.88
N PHE A 64 10.49 -0.44 -6.90
CA PHE A 64 11.86 0.03 -7.04
C PHE A 64 12.23 1.03 -5.95
N THR A 65 11.26 1.82 -5.47
CA THR A 65 11.57 2.81 -4.45
C THR A 65 11.86 2.16 -3.10
N ILE A 66 11.12 1.09 -2.76
CA ILE A 66 11.23 0.48 -1.44
C ILE A 66 12.33 -0.58 -1.36
N THR A 67 12.97 -0.92 -2.48
CA THR A 67 13.99 -1.96 -2.47
C THR A 67 15.34 -1.52 -3.00
N TRP A 68 15.47 -0.32 -3.56
CA TRP A 68 16.72 0.13 -4.15
C TRP A 68 17.39 1.14 -3.22
N ARG A 69 18.62 0.85 -2.83
CA ARG A 69 19.41 1.71 -1.95
C ARG A 69 18.70 1.93 -0.61
N ARG A 70 17.82 0.99 -0.25
CA ARG A 70 17.09 0.99 1.01
C ARG A 70 16.45 -0.38 1.15
N ARG A 71 15.98 -0.68 2.36
CA ARG A 71 15.36 -1.96 2.66
C ARG A 71 13.93 -1.76 3.17
N ILE A 72 13.28 -2.86 3.50
CA ILE A 72 11.91 -2.82 4.00
C ILE A 72 11.93 -2.36 5.45
N GLN A 73 11.13 -1.33 5.75
CA GLN A 73 11.12 -0.72 7.08
C GLN A 73 9.99 -1.27 7.95
N CYS A 74 8.74 -1.00 7.57
CA CYS A 74 7.59 -1.33 8.39
C CYS A 74 6.72 -2.39 7.71
N SER A 75 5.62 -2.74 8.38
CA SER A 75 4.68 -3.72 7.85
C SER A 75 3.90 -3.19 6.66
N GLY A 76 3.81 -1.87 6.51
CA GLY A 76 3.09 -1.32 5.38
C GLY A 76 3.84 -1.49 4.07
N ASP A 77 5.17 -1.41 4.11
CA ASP A 77 5.96 -1.59 2.89
C ASP A 77 5.77 -2.97 2.31
N VAL A 78 5.67 -3.99 3.17
CA VAL A 78 5.41 -5.36 2.69
C VAL A 78 4.12 -5.40 1.89
N TYR A 79 3.05 -4.84 2.45
CA TYR A 79 1.76 -4.86 1.76
C TYR A 79 1.77 -3.95 0.54
N PHE A 80 2.54 -2.86 0.58
CA PHE A 80 2.65 -1.98 -0.58
C PHE A 80 3.31 -2.71 -1.75
N ILE A 81 4.41 -3.41 -1.49
CA ILE A 81 5.08 -4.17 -2.54
C ILE A 81 4.15 -5.24 -3.09
N ASN A 82 3.45 -5.95 -2.21
CA ASN A 82 2.54 -7.00 -2.65
C ASN A 82 1.38 -6.43 -3.46
N LEU A 83 0.89 -5.24 -3.07
CA LEU A 83 -0.14 -4.59 -3.87
C LEU A 83 0.39 -4.17 -5.23
N ALA A 84 1.62 -3.63 -5.26
CA ALA A 84 2.23 -3.29 -6.53
C ALA A 84 2.52 -4.53 -7.37
N ALA A 85 2.87 -5.64 -6.73
CA ALA A 85 3.11 -6.88 -7.46
C ALA A 85 1.83 -7.40 -8.08
N ALA A 86 0.71 -7.29 -7.37
CA ALA A 86 -0.58 -7.70 -7.92
C ALA A 86 -0.98 -6.83 -9.10
N ASP A 87 -0.63 -5.54 -9.04
CA ASP A 87 -0.97 -4.64 -10.13
C ASP A 87 -0.09 -4.89 -11.36
N LEU A 88 1.19 -5.21 -11.14
CA LEU A 88 2.08 -5.51 -12.26
C LEU A 88 1.61 -6.74 -13.01
N LEU A 89 1.31 -7.82 -12.29
CA LEU A 89 0.78 -9.03 -12.92
C LEU A 89 -0.49 -8.74 -13.69
N PHE A 90 -1.29 -7.77 -13.22
CA PHE A 90 -2.51 -7.40 -13.93
C PHE A 90 -2.18 -6.62 -15.20
N VAL A 91 -1.32 -5.61 -15.09
CA VAL A 91 -1.03 -4.73 -16.22
C VAL A 91 -0.26 -5.48 -17.31
N CYS A 92 0.52 -6.50 -16.94
CA CYS A 92 1.26 -7.28 -17.92
C CYS A 92 0.35 -8.16 -18.78
N THR A 93 -0.92 -8.31 -18.41
CA THR A 93 -1.88 -8.99 -19.26
C THR A 93 -2.50 -8.07 -20.31
N LEU A 94 -2.41 -6.75 -20.12
CA LEU A 94 -3.04 -5.81 -21.04
C LEU A 94 -2.47 -5.89 -22.46
N PRO A 95 -1.16 -5.94 -22.68
CA PRO A 95 -0.68 -6.09 -24.07
C PRO A 95 -1.16 -7.38 -24.71
N LEU A 96 -1.38 -8.43 -23.91
CA LEU A 96 -1.97 -9.65 -24.44
C LEU A 96 -3.44 -9.46 -24.76
N TRP A 97 -4.18 -8.77 -23.88
CA TRP A 97 -5.57 -8.42 -24.20
C TRP A 97 -5.65 -7.51 -25.41
N MET A 98 -4.65 -6.65 -25.61
CA MET A 98 -4.66 -5.78 -26.78
C MET A 98 -4.44 -6.55 -28.06
N GLN A 99 -3.57 -7.57 -28.03
CA GLN A 99 -3.39 -8.44 -29.19
C GLN A 99 -4.63 -9.29 -29.44
N TYR A 100 -5.48 -9.48 -28.44
CA TYR A 100 -6.72 -10.24 -28.60
C TYR A 100 -7.75 -9.45 -29.39
N LEU A 101 -7.92 -8.16 -29.08
CA LEU A 101 -8.89 -7.34 -29.81
C LEU A 101 -8.43 -7.09 -31.24
N LEU A 102 -7.11 -6.99 -31.47
CA LEU A 102 -6.60 -6.79 -32.81
C LEU A 102 -6.86 -8.00 -33.70
N ASP A 103 -6.79 -9.20 -33.15
CA ASP A 103 -7.05 -10.43 -33.90
C ASP A 103 -7.72 -11.40 -32.93
N HIS A 104 -9.04 -11.56 -33.07
CA HIS A 104 -9.80 -12.34 -32.10
C HIS A 104 -9.32 -13.79 -32.05
N ASN A 105 -8.95 -14.35 -33.20
CA ASN A 105 -8.58 -15.76 -33.25
C ASN A 105 -7.22 -16.01 -32.62
N SER A 106 -6.32 -15.02 -32.67
CA SER A 106 -4.92 -15.23 -32.32
C SER A 106 -4.70 -15.83 -30.93
N LEU A 107 -5.69 -15.75 -30.05
CA LEU A 107 -5.58 -16.29 -28.69
C LEU A 107 -6.21 -17.69 -28.64
N ALA A 108 -5.39 -18.68 -28.27
CA ALA A 108 -5.84 -20.07 -28.24
C ALA A 108 -6.44 -20.41 -26.88
N SER A 109 -6.86 -21.67 -26.71
CA SER A 109 -7.48 -22.11 -25.46
C SER A 109 -6.51 -22.02 -24.29
N VAL A 110 -5.41 -22.75 -24.39
CA VAL A 110 -4.45 -22.90 -23.30
C VAL A 110 -3.93 -21.54 -22.84
N PRO A 111 -3.65 -20.59 -23.75
CA PRO A 111 -3.29 -19.25 -23.26
C PRO A 111 -4.46 -18.49 -22.68
N CYS A 112 -5.68 -18.65 -23.20
CA CYS A 112 -6.76 -17.83 -22.66
C CYS A 112 -7.09 -18.22 -21.22
N THR A 113 -7.20 -19.53 -20.95
CA THR A 113 -7.42 -19.96 -19.58
C THR A 113 -6.26 -19.55 -18.68
N LEU A 114 -5.03 -19.59 -19.22
CA LEU A 114 -3.88 -19.19 -18.42
C LEU A 114 -3.81 -17.67 -18.25
N LEU A 115 -4.10 -16.93 -19.32
CA LEU A 115 -4.13 -15.47 -19.22
C LEU A 115 -5.25 -15.00 -18.30
N THR A 116 -6.41 -15.66 -18.38
CA THR A 116 -7.50 -15.33 -17.47
C THR A 116 -7.16 -15.68 -16.03
N ALA A 117 -6.33 -16.72 -15.82
CA ALA A 117 -5.94 -17.08 -14.46
C ALA A 117 -5.14 -15.96 -13.81
N CYS A 118 -4.15 -15.42 -14.54
CA CYS A 118 -3.38 -14.30 -14.00
C CYS A 118 -4.26 -13.06 -13.80
N PHE A 119 -5.34 -12.95 -14.56
CA PHE A 119 -6.22 -11.79 -14.43
C PHE A 119 -6.93 -11.79 -13.08
N TYR A 120 -7.57 -12.90 -12.74
CA TYR A 120 -8.34 -12.96 -11.50
C TYR A 120 -7.44 -13.06 -10.28
N VAL A 121 -6.35 -13.85 -10.37
CA VAL A 121 -5.42 -13.96 -9.25
C VAL A 121 -4.86 -12.58 -8.90
N ALA A 122 -4.44 -11.83 -9.91
CA ALA A 122 -3.94 -10.48 -9.65
C ALA A 122 -5.03 -9.55 -9.15
N MET A 123 -6.28 -9.77 -9.59
CA MET A 123 -7.36 -8.91 -9.15
C MET A 123 -7.72 -9.17 -7.69
N PHE A 124 -7.88 -10.43 -7.31
CA PHE A 124 -8.25 -10.76 -5.94
C PHE A 124 -7.13 -10.40 -4.97
N ALA A 125 -5.88 -10.64 -5.34
CA ALA A 125 -4.76 -10.29 -4.47
C ALA A 125 -4.66 -8.78 -4.30
N SER A 126 -4.93 -8.02 -5.37
CA SER A 126 -4.98 -6.57 -5.24
C SER A 126 -6.05 -6.15 -4.24
N LEU A 127 -7.23 -6.80 -4.31
CA LEU A 127 -8.29 -6.52 -3.34
C LEU A 127 -7.96 -7.07 -1.96
N CYS A 128 -7.28 -8.23 -1.90
CA CYS A 128 -6.88 -8.78 -0.61
C CYS A 128 -5.93 -7.84 0.11
N PHE A 129 -4.92 -7.35 -0.59
CA PHE A 129 -3.91 -6.52 0.06
C PHE A 129 -4.43 -5.11 0.33
N ILE A 130 -5.33 -4.60 -0.51
CA ILE A 130 -5.97 -3.33 -0.22
C ILE A 130 -6.73 -3.41 1.11
N THR A 131 -7.42 -4.53 1.34
CA THR A 131 -8.07 -4.72 2.63
C THR A 131 -7.06 -4.88 3.75
N GLU A 132 -5.92 -5.53 3.47
CA GLU A 132 -4.90 -5.73 4.49
C GLU A 132 -4.22 -4.42 4.86
N ILE A 133 -4.15 -3.46 3.92
CA ILE A 133 -3.63 -2.13 4.26
C ILE A 133 -4.41 -1.54 5.42
N ALA A 134 -5.74 -1.53 5.29
CA ALA A 134 -6.58 -0.92 6.33
C ALA A 134 -6.47 -1.70 7.65
N LEU A 135 -6.50 -3.03 7.58
CA LEU A 135 -6.50 -3.83 8.80
C LEU A 135 -5.20 -3.66 9.58
N ASP A 136 -4.06 -3.78 8.89
CA ASP A 136 -2.78 -3.58 9.56
C ASP A 136 -2.69 -2.18 10.16
N ARG A 137 -3.21 -1.18 9.45
CA ARG A 137 -3.29 0.17 10.01
C ARG A 137 -4.47 0.33 10.94
N TYR A 138 -5.45 -0.59 10.90
CA TYR A 138 -6.51 -0.58 11.89
C TYR A 138 -5.99 -1.06 13.25
N TYR A 139 -5.40 -2.27 13.27
CA TYR A 139 -4.86 -2.81 14.52
C TYR A 139 -3.74 -1.94 15.07
N ALA A 140 -3.02 -1.22 14.20
CA ALA A 140 -1.91 -0.41 14.67
C ALA A 140 -2.38 0.90 15.28
N ILE A 141 -3.43 1.50 14.72
CA ILE A 141 -3.86 2.81 15.18
C ILE A 141 -4.78 2.68 16.40
N VAL A 142 -5.88 1.95 16.26
CA VAL A 142 -6.90 1.98 17.30
C VAL A 142 -6.56 1.02 18.44
N TYR A 143 -5.96 -0.14 18.12
CA TYR A 143 -5.69 -1.16 19.12
C TYR A 143 -4.22 -1.24 19.50
N MET A 144 -3.36 -0.44 18.86
CA MET A 144 -1.95 -0.31 19.23
C MET A 144 -1.23 -1.65 19.23
N ARG A 145 -1.60 -2.56 18.34
CA ARG A 145 -0.90 -3.82 18.13
C ARG A 145 -0.23 -3.76 16.76
N TYR A 146 1.09 -3.93 16.74
CA TYR A 146 1.91 -3.72 15.56
C TYR A 146 2.52 -5.05 15.10
N ARG A 147 2.63 -5.22 13.79
CA ARG A 147 3.14 -6.44 13.20
C ARG A 147 4.53 -6.21 12.63
N PRO A 148 5.52 -7.01 13.03
CA PRO A 148 6.85 -6.89 12.44
C PRO A 148 6.87 -7.38 11.01
N VAL A 149 8.00 -7.13 10.33
CA VAL A 149 8.12 -7.45 8.92
C VAL A 149 8.03 -8.95 8.69
N LYS A 150 8.66 -9.74 9.56
CA LYS A 150 8.66 -11.18 9.38
C LYS A 150 7.24 -11.75 9.42
N GLN A 151 6.40 -11.21 10.29
CA GLN A 151 5.00 -11.67 10.33
C GLN A 151 4.22 -11.15 9.14
N ALA A 152 4.51 -9.93 8.69
CA ALA A 152 3.78 -9.36 7.56
C ALA A 152 4.08 -10.10 6.26
N CYS A 153 5.30 -10.60 6.10
CA CYS A 153 5.62 -11.40 4.92
C CYS A 153 4.88 -12.72 4.93
N LEU A 154 4.76 -13.34 6.11
CA LEU A 154 4.05 -14.61 6.22
C LEU A 154 2.59 -14.45 5.86
N PHE A 155 1.94 -13.39 6.36
CA PHE A 155 0.54 -13.14 6.04
C PHE A 155 0.37 -12.84 4.55
N SER A 156 1.37 -12.21 3.92
CA SER A 156 1.29 -11.92 2.50
C SER A 156 1.24 -13.19 1.67
N ILE A 157 2.04 -14.19 2.06
CA ILE A 157 1.97 -15.50 1.41
C ILE A 157 0.56 -16.07 1.53
N PHE A 158 -0.02 -15.98 2.72
CA PHE A 158 -1.37 -16.51 2.94
C PHE A 158 -2.38 -15.81 2.05
N TRP A 159 -2.24 -14.49 1.88
CA TRP A 159 -3.21 -13.76 1.08
C TRP A 159 -3.15 -14.17 -0.39
N TRP A 160 -1.94 -14.41 -0.90
CA TRP A 160 -1.82 -14.91 -2.27
C TRP A 160 -2.49 -16.28 -2.41
N ILE A 161 -2.32 -17.15 -1.41
CA ILE A 161 -2.98 -18.45 -1.45
C ILE A 161 -4.49 -18.27 -1.40
N PHE A 162 -4.98 -17.37 -0.54
CA PHE A 162 -6.42 -17.12 -0.46
C PHE A 162 -6.95 -16.51 -1.75
N ALA A 163 -6.14 -15.71 -2.45
CA ALA A 163 -6.59 -15.11 -3.70
C ALA A 163 -6.66 -16.14 -4.81
N VAL A 164 -5.83 -17.18 -4.75
CA VAL A 164 -5.85 -18.22 -5.77
C VAL A 164 -7.03 -19.15 -5.57
N ILE A 165 -7.25 -19.60 -4.34
CA ILE A 165 -8.35 -20.52 -4.07
C ILE A 165 -9.71 -19.87 -4.29
N ILE A 166 -9.79 -18.54 -4.22
CA ILE A 166 -11.04 -17.84 -4.47
C ILE A 166 -11.23 -17.52 -5.95
N ALA A 167 -10.19 -17.66 -6.77
CA ALA A 167 -10.27 -17.38 -8.20
C ALA A 167 -10.52 -18.62 -9.04
N ILE A 168 -10.45 -19.82 -8.45
CA ILE A 168 -10.66 -21.05 -9.22
C ILE A 168 -11.97 -21.03 -9.99
N PRO A 169 -13.14 -20.79 -9.39
CA PRO A 169 -14.38 -20.81 -10.17
C PRO A 169 -14.54 -19.66 -11.14
N HIS A 170 -13.56 -18.77 -11.24
CA HIS A 170 -13.65 -17.59 -12.08
C HIS A 170 -12.92 -17.72 -13.41
N PHE A 171 -11.98 -18.68 -13.53
CA PHE A 171 -11.32 -18.94 -14.80
C PHE A 171 -11.52 -20.35 -15.33
N MET A 172 -11.97 -21.29 -14.50
CA MET A 172 -12.16 -22.67 -14.96
C MET A 172 -13.31 -22.77 -15.94
N VAL A 173 -14.28 -21.85 -15.87
CA VAL A 173 -15.35 -21.80 -16.86
C VAL A 173 -14.98 -20.97 -18.08
N VAL A 174 -13.99 -20.06 -17.94
CA VAL A 174 -13.61 -19.18 -19.03
C VAL A 174 -12.71 -19.85 -20.06
N THR A 175 -12.33 -21.10 -19.84
CA THR A 175 -11.39 -21.79 -20.73
C THR A 175 -12.07 -22.25 -22.02
N LYS A 176 -12.63 -21.28 -22.73
CA LYS A 176 -13.31 -21.53 -24.00
C LYS A 176 -12.52 -20.87 -25.12
N LYS A 177 -11.94 -21.68 -26.01
CA LYS A 177 -11.33 -21.16 -27.22
C LYS A 177 -12.36 -21.02 -28.33
N ASP A 178 -13.52 -20.48 -27.99
CA ASP A 178 -14.57 -20.27 -28.97
C ASP A 178 -14.26 -19.05 -29.84
N ASN A 179 -15.26 -18.57 -30.56
CA ASN A 179 -15.10 -17.33 -31.31
C ASN A 179 -14.74 -16.17 -30.40
N GLN A 180 -15.24 -16.18 -29.16
CA GLN A 180 -14.88 -15.20 -28.16
C GLN A 180 -14.60 -15.93 -26.85
N CYS A 181 -13.39 -15.79 -26.33
CA CYS A 181 -13.06 -16.42 -25.06
C CYS A 181 -13.74 -15.67 -23.92
N MET A 182 -14.48 -16.42 -23.11
CA MET A 182 -15.18 -15.88 -21.95
C MET A 182 -15.86 -17.00 -21.17
N THR A 183 -16.86 -16.62 -20.38
CA THR A 183 -17.65 -17.61 -19.64
C THR A 183 -18.23 -18.67 -20.57
N ASP A 184 -18.95 -18.23 -21.60
CA ASP A 184 -19.61 -19.11 -22.57
C ASP A 184 -20.44 -20.19 -21.86
N TYR A 185 -21.38 -19.73 -21.04
CA TYR A 185 -22.24 -20.66 -20.30
C TYR A 185 -23.26 -21.33 -21.20
N ASP A 186 -22.82 -21.85 -22.36
CA ASP A 186 -23.70 -22.72 -23.14
C ASP A 186 -24.05 -23.97 -22.34
N TYR A 187 -23.07 -24.53 -21.63
CA TYR A 187 -23.31 -25.57 -20.64
C TYR A 187 -23.30 -24.91 -19.25
N LEU A 188 -23.45 -25.76 -18.21
CA LEU A 188 -23.64 -25.37 -16.82
C LEU A 188 -25.02 -24.77 -16.63
N GLU A 189 -25.53 -24.80 -15.41
CA GLU A 189 -26.87 -24.27 -15.19
C GLU A 189 -26.84 -22.75 -15.17
N VAL A 190 -27.97 -22.15 -15.56
CA VAL A 190 -28.06 -20.70 -15.66
C VAL A 190 -27.87 -20.04 -14.30
N SER A 191 -28.04 -20.79 -13.22
CA SER A 191 -27.76 -20.26 -11.89
C SER A 191 -26.27 -20.23 -11.58
N TYR A 192 -25.45 -20.95 -12.35
CA TYR A 192 -24.01 -20.94 -12.10
C TYR A 192 -23.39 -19.57 -12.33
N PRO A 193 -23.69 -18.83 -13.41
CA PRO A 193 -23.19 -17.45 -13.50
C PRO A 193 -23.72 -16.55 -12.41
N ILE A 194 -24.88 -16.87 -11.84
CA ILE A 194 -25.45 -16.02 -10.80
C ILE A 194 -24.70 -16.20 -9.49
N ILE A 195 -24.44 -17.46 -9.11
CA ILE A 195 -23.63 -17.73 -7.92
C ILE A 195 -22.24 -17.11 -8.07
N LEU A 196 -21.69 -17.16 -9.29
CA LEU A 196 -20.37 -16.59 -9.51
C LEU A 196 -20.41 -15.07 -9.42
N ASN A 197 -21.50 -14.45 -9.86
CA ASN A 197 -21.63 -13.00 -9.74
C ASN A 197 -21.83 -12.59 -8.29
N VAL A 198 -22.70 -13.30 -7.56
CA VAL A 198 -22.90 -13.02 -6.15
C VAL A 198 -21.59 -13.14 -5.39
N GLU A 199 -20.86 -14.23 -5.62
CA GLU A 199 -19.54 -14.38 -5.02
C GLU A 199 -18.59 -13.27 -5.48
N LEU A 200 -18.74 -12.82 -6.72
CA LEU A 200 -17.91 -11.74 -7.23
C LEU A 200 -18.36 -10.37 -6.71
N MET A 201 -19.67 -10.18 -6.52
CA MET A 201 -20.16 -8.88 -6.07
C MET A 201 -19.83 -8.63 -4.60
N LEU A 202 -20.02 -9.63 -3.74
CA LEU A 202 -19.72 -9.43 -2.33
C LEU A 202 -18.23 -9.62 -2.03
N GLY A 203 -17.56 -10.53 -2.73
CA GLY A 203 -16.16 -10.79 -2.44
C GLY A 203 -15.22 -9.72 -2.94
N ALA A 204 -15.57 -9.05 -4.04
CA ALA A 204 -14.70 -8.07 -4.65
C ALA A 204 -15.13 -6.64 -4.42
N PHE A 205 -16.36 -6.41 -3.96
CA PHE A 205 -16.82 -5.03 -3.74
C PHE A 205 -17.40 -4.85 -2.34
N VAL A 206 -18.44 -5.61 -2.00
CA VAL A 206 -19.19 -5.37 -0.77
C VAL A 206 -18.29 -5.54 0.45
N ILE A 207 -17.67 -6.72 0.57
CA ILE A 207 -16.78 -6.96 1.71
C ILE A 207 -15.59 -6.01 1.74
N PRO A 208 -14.86 -5.80 0.62
CA PRO A 208 -13.73 -4.84 0.69
C PRO A 208 -14.16 -3.42 1.01
N LEU A 209 -15.21 -2.91 0.37
CA LEU A 209 -15.63 -1.54 0.63
C LEU A 209 -16.17 -1.37 2.04
N SER A 210 -16.76 -2.42 2.61
CA SER A 210 -17.28 -2.30 3.98
C SER A 210 -16.15 -2.24 5.00
N VAL A 211 -15.08 -3.01 4.77
CA VAL A 211 -13.98 -3.05 5.73
C VAL A 211 -13.19 -1.75 5.68
N ILE A 212 -12.80 -1.31 4.48
CA ILE A 212 -11.96 -0.13 4.38
C ILE A 212 -12.72 1.13 4.78
N SER A 213 -14.05 1.14 4.60
CA SER A 213 -14.84 2.28 5.06
C SER A 213 -14.89 2.30 6.58
N TYR A 214 -15.15 1.15 7.19
CA TYR A 214 -15.22 1.07 8.65
C TYR A 214 -13.85 1.30 9.29
N CYS A 215 -12.80 0.70 8.72
CA CYS A 215 -11.46 0.88 9.26
C CYS A 215 -11.04 2.34 9.21
N TYR A 216 -11.10 2.95 8.02
CA TYR A 216 -10.64 4.32 7.87
C TYR A 216 -11.57 5.33 8.55
N TYR A 217 -12.82 4.96 8.79
CA TYR A 217 -13.69 5.82 9.58
C TYR A 217 -13.30 5.79 11.05
N ARG A 218 -13.04 4.59 11.59
CA ARG A 218 -12.56 4.48 12.96
C ARG A 218 -11.23 5.22 13.13
N ILE A 219 -10.35 5.11 12.13
CA ILE A 219 -9.05 5.77 12.20
C ILE A 219 -9.22 7.28 12.10
N SER A 220 -10.06 7.73 11.14
CA SER A 220 -10.18 9.17 10.90
C SER A 220 -10.77 9.89 12.10
N ARG A 221 -11.73 9.28 12.78
CA ARG A 221 -12.34 9.92 13.95
C ARG A 221 -11.37 10.02 15.12
N ILE A 222 -10.31 9.20 15.12
CA ILE A 222 -9.28 9.28 16.16
C ILE A 222 -8.21 10.31 15.81
N VAL A 223 -7.76 10.30 14.55
CA VAL A 223 -6.71 11.23 14.13
C VAL A 223 -7.21 12.66 14.19
N ALA A 224 -8.46 12.89 13.79
CA ALA A 224 -9.00 14.25 13.79
C ALA A 224 -8.99 14.88 15.18
N VAL A 225 -9.03 14.05 16.22
CA VAL A 225 -9.00 14.54 17.59
C VAL A 225 -7.62 14.42 18.22
N SER A 226 -6.67 13.77 17.56
CA SER A 226 -5.32 13.64 18.11
C SER A 226 -4.58 14.97 17.99
N GLN A 227 -3.40 15.01 18.59
CA GLN A 227 -2.52 16.17 18.52
C GLN A 227 -1.53 16.09 17.37
N SER A 228 -1.77 15.21 16.39
CA SER A 228 -0.85 15.05 15.28
C SER A 228 -0.80 16.33 14.44
N ARG A 229 0.41 16.72 14.04
CA ARG A 229 0.60 17.90 13.21
C ARG A 229 0.28 17.65 11.75
N HIS A 230 -0.12 16.43 11.39
CA HIS A 230 -0.58 16.11 10.04
C HIS A 230 -1.98 15.51 10.05
N LYS A 231 -2.73 15.74 11.14
CA LYS A 231 -4.05 15.12 11.28
C LYS A 231 -5.00 15.56 10.18
N GLY A 232 -4.82 16.77 9.66
CA GLY A 232 -5.68 17.23 8.57
C GLY A 232 -5.48 16.41 7.30
N ARG A 233 -4.22 16.22 6.90
CA ARG A 233 -3.95 15.52 5.65
C ARG A 233 -4.20 14.02 5.78
N ILE A 234 -4.07 13.46 6.98
CA ILE A 234 -4.28 12.03 7.17
C ILE A 234 -5.71 11.65 6.76
N VAL A 235 -6.70 12.38 7.27
CA VAL A 235 -8.09 12.07 6.95
C VAL A 235 -8.35 12.28 5.46
N ARG A 236 -7.80 13.36 4.90
CA ARG A 236 -7.99 13.62 3.46
C ARG A 236 -7.38 12.51 2.61
N VAL A 237 -6.29 11.90 3.09
CA VAL A 237 -5.70 10.76 2.38
C VAL A 237 -6.66 9.57 2.41
N LEU A 238 -7.16 9.24 3.60
CA LEU A 238 -8.06 8.09 3.74
C LEU A 238 -9.37 8.32 3.01
N ILE A 239 -9.87 9.56 2.99
CA ILE A 239 -11.07 9.86 2.22
C ILE A 239 -10.83 9.64 0.73
N ALA A 240 -9.67 10.07 0.23
CA ALA A 240 -9.37 9.88 -1.19
C ALA A 240 -9.34 8.40 -1.55
N VAL A 241 -8.90 7.55 -0.63
CA VAL A 241 -8.84 6.11 -0.90
C VAL A 241 -10.24 5.56 -1.14
N VAL A 242 -11.21 5.99 -0.33
CA VAL A 242 -12.56 5.43 -0.43
C VAL A 242 -13.27 5.97 -1.68
N LEU A 243 -13.16 7.28 -1.92
CA LEU A 243 -13.85 7.87 -3.06
C LEU A 243 -13.37 7.26 -4.38
N VAL A 244 -12.06 7.18 -4.57
CA VAL A 244 -11.51 6.59 -5.78
C VAL A 244 -11.94 5.13 -5.91
N PHE A 245 -12.03 4.42 -4.79
CA PHE A 245 -12.46 3.03 -4.82
C PHE A 245 -13.92 2.92 -5.26
N ILE A 246 -14.76 3.86 -4.84
CA ILE A 246 -16.17 3.79 -5.18
C ILE A 246 -16.41 4.21 -6.63
N ILE A 247 -15.88 5.36 -7.02
CA ILE A 247 -16.15 5.90 -8.36
C ILE A 247 -15.50 5.09 -9.47
N PHE A 248 -14.69 4.09 -9.14
CA PHE A 248 -14.06 3.25 -10.15
C PHE A 248 -14.55 1.81 -10.15
N TRP A 249 -15.05 1.32 -9.01
CA TRP A 249 -15.55 -0.05 -8.92
C TRP A 249 -17.07 -0.14 -8.89
N LEU A 250 -17.74 0.83 -8.25
CA LEU A 250 -19.20 0.77 -8.16
C LEU A 250 -19.90 0.76 -9.52
N PRO A 251 -19.47 1.52 -10.54
CA PRO A 251 -20.16 1.42 -11.83
C PRO A 251 -20.12 0.03 -12.44
N TYR A 252 -19.04 -0.73 -12.20
CA TYR A 252 -18.95 -2.08 -12.75
C TYR A 252 -19.85 -3.06 -12.00
N HIS A 253 -19.87 -2.97 -10.66
CA HIS A 253 -20.71 -3.88 -9.89
C HIS A 253 -22.19 -3.50 -9.97
N LEU A 254 -22.48 -2.22 -10.15
CA LEU A 254 -23.87 -1.81 -10.36
C LEU A 254 -24.40 -2.31 -11.70
N THR A 255 -23.52 -2.45 -12.69
CA THR A 255 -23.92 -3.01 -13.98
C THR A 255 -24.03 -4.53 -13.91
N LEU A 256 -23.18 -5.19 -13.13
CA LEU A 256 -23.32 -6.62 -12.91
C LEU A 256 -24.59 -6.93 -12.12
N PHE A 257 -25.05 -5.99 -11.31
CA PHE A 257 -26.27 -6.18 -10.53
C PHE A 257 -27.49 -6.29 -11.43
N VAL A 258 -27.61 -5.38 -12.41
CA VAL A 258 -28.75 -5.43 -13.31
C VAL A 258 -28.60 -6.56 -14.33
N ASP A 259 -27.37 -7.03 -14.59
CA ASP A 259 -27.19 -8.21 -15.41
C ASP A 259 -27.66 -9.46 -14.68
N THR A 260 -27.39 -9.54 -13.37
CA THR A 260 -27.91 -10.62 -12.56
C THR A 260 -29.42 -10.54 -12.43
N LEU A 261 -29.98 -9.32 -12.44
CA LEU A 261 -31.42 -9.16 -12.45
C LEU A 261 -32.04 -9.74 -13.72
N LYS A 262 -31.34 -9.60 -14.85
CA LYS A 262 -31.82 -10.20 -16.09
C LYS A 262 -31.83 -11.72 -16.00
N LEU A 263 -30.75 -12.30 -15.45
CA LEU A 263 -30.68 -13.74 -15.32
C LEU A 263 -31.73 -14.27 -14.34
N LEU A 264 -32.05 -13.50 -13.31
CA LEU A 264 -33.06 -13.91 -12.34
C LEU A 264 -34.48 -13.77 -12.88
N LYS A 265 -34.64 -13.28 -14.11
CA LYS A 265 -35.95 -13.10 -14.76
C LYS A 265 -36.84 -12.14 -13.99
N TRP A 266 -36.27 -11.29 -13.15
CA TRP A 266 -37.07 -10.29 -12.44
C TRP A 266 -37.38 -9.10 -13.32
N ILE A 267 -36.52 -8.78 -14.28
CA ILE A 267 -36.77 -7.72 -15.24
C ILE A 267 -36.76 -8.30 -16.65
N SER A 268 -37.44 -7.61 -17.55
CA SER A 268 -37.45 -8.01 -18.95
C SER A 268 -36.17 -7.57 -19.64
N SER A 269 -35.87 -8.22 -20.77
CA SER A 269 -34.66 -7.92 -21.52
C SER A 269 -34.92 -8.18 -22.99
N SER A 270 -34.98 -7.12 -23.79
CA SER A 270 -35.08 -7.25 -25.23
C SER A 270 -33.69 -7.55 -25.80
N CYS A 271 -33.64 -7.77 -27.12
CA CYS A 271 -32.35 -7.92 -27.77
C CYS A 271 -31.55 -6.62 -27.67
N GLU A 272 -32.22 -5.48 -27.82
CA GLU A 272 -31.53 -4.19 -27.72
C GLU A 272 -31.06 -3.92 -26.30
N PHE A 273 -31.82 -4.35 -25.30
CA PHE A 273 -31.44 -4.11 -23.91
C PHE A 273 -30.15 -4.83 -23.55
N GLU A 274 -30.00 -6.08 -24.04
CA GLU A 274 -28.76 -6.82 -23.80
C GLU A 274 -27.58 -6.18 -24.53
N ARG A 275 -27.84 -5.49 -25.64
CA ARG A 275 -26.77 -4.80 -26.35
C ARG A 275 -26.35 -3.54 -25.61
N SER A 276 -27.32 -2.81 -25.05
CA SER A 276 -26.98 -1.66 -24.21
C SER A 276 -26.25 -2.09 -22.95
N LEU A 277 -26.64 -3.24 -22.39
CA LEU A 277 -25.98 -3.75 -21.20
C LEU A 277 -24.57 -4.25 -21.51
N LYS A 278 -24.35 -4.77 -22.71
CA LYS A 278 -23.01 -5.20 -23.09
C LYS A 278 -22.08 -4.01 -23.25
N ARG A 279 -22.56 -2.94 -23.90
CA ARG A 279 -21.73 -1.75 -24.08
C ARG A 279 -21.43 -1.09 -22.74
N ALA A 280 -22.40 -1.07 -21.82
CA ALA A 280 -22.15 -0.53 -20.49
C ALA A 280 -21.16 -1.40 -19.72
N LEU A 281 -21.21 -2.72 -19.93
CA LEU A 281 -20.25 -3.61 -19.30
C LEU A 281 -18.84 -3.32 -19.80
N ILE A 282 -18.69 -3.05 -21.09
CA ILE A 282 -17.37 -2.86 -21.67
C ILE A 282 -16.73 -1.59 -21.13
N LEU A 283 -17.46 -0.48 -21.15
CA LEU A 283 -16.90 0.80 -20.76
C LEU A 283 -16.58 0.84 -19.26
N THR A 284 -17.54 0.42 -18.43
CA THR A 284 -17.34 0.48 -16.99
C THR A 284 -16.29 -0.51 -16.51
N GLU A 285 -16.09 -1.61 -17.23
CA GLU A 285 -15.03 -2.55 -16.89
C GLU A 285 -13.65 -1.94 -17.13
N SER A 286 -13.47 -1.27 -18.28
CA SER A 286 -12.22 -0.58 -18.54
C SER A 286 -11.99 0.54 -17.53
N LEU A 287 -13.08 1.11 -17.00
CA LEU A 287 -12.94 2.10 -15.94
C LEU A 287 -12.32 1.49 -14.68
N ALA A 288 -12.74 0.27 -14.34
CA ALA A 288 -12.16 -0.41 -13.18
C ALA A 288 -10.70 -0.77 -13.39
N PHE A 289 -10.26 -0.87 -14.65
CA PHE A 289 -8.85 -1.16 -14.90
C PHE A 289 -7.96 0.03 -14.59
N CYS A 290 -8.52 1.25 -14.56
CA CYS A 290 -7.73 2.41 -14.19
C CYS A 290 -7.40 2.44 -12.71
N HIS A 291 -8.11 1.66 -11.89
CA HIS A 291 -7.85 1.68 -10.46
C HIS A 291 -6.46 1.16 -10.12
N CYS A 292 -5.94 0.23 -10.93
CA CYS A 292 -4.59 -0.27 -10.69
C CYS A 292 -3.52 0.76 -11.04
N CYS A 293 -3.87 1.80 -11.79
CA CYS A 293 -2.95 2.90 -12.03
C CYS A 293 -2.99 3.92 -10.91
N LEU A 294 -4.06 3.96 -10.12
CA LEU A 294 -4.20 4.91 -9.03
C LEU A 294 -3.65 4.40 -7.70
N ASN A 295 -3.47 3.09 -7.57
CA ASN A 295 -2.92 2.54 -6.33
C ASN A 295 -1.57 3.13 -5.93
N PRO A 296 -0.63 3.38 -6.86
CA PRO A 296 0.60 4.09 -6.43
C PRO A 296 0.35 5.47 -5.87
N LEU A 297 -0.66 6.19 -6.37
CA LEU A 297 -0.97 7.52 -5.88
C LEU A 297 -1.86 7.51 -4.65
N LEU A 298 -2.45 6.37 -4.29
CA LEU A 298 -3.36 6.29 -3.16
C LEU A 298 -2.71 5.86 -1.86
N TYR A 299 -1.59 5.14 -1.93
CA TYR A 299 -0.93 4.62 -0.73
C TYR A 299 0.51 5.05 -0.62
N VAL A 300 1.31 4.87 -1.68
CA VAL A 300 2.75 5.05 -1.59
C VAL A 300 3.14 6.51 -1.81
N PHE A 301 2.97 7.01 -3.03
CA PHE A 301 3.48 8.32 -3.40
C PHE A 301 2.63 9.47 -2.85
N VAL A 302 1.66 9.18 -1.99
CA VAL A 302 1.02 10.24 -1.21
C VAL A 302 1.81 10.59 0.04
N GLY A 303 2.84 9.80 0.36
CA GLY A 303 3.66 10.04 1.53
C GLY A 303 4.93 10.80 1.18
N THR A 304 5.28 11.76 2.04
CA THR A 304 6.43 12.62 1.77
C THR A 304 7.74 11.84 1.78
N LYS A 305 7.85 10.83 2.66
CA LYS A 305 9.08 10.04 2.69
C LYS A 305 9.27 9.28 1.39
N PHE A 306 8.19 8.74 0.82
CA PHE A 306 8.30 8.05 -0.45
C PHE A 306 8.51 9.03 -1.60
N ARG A 307 7.99 10.26 -1.48
CA ARG A 307 8.27 11.28 -2.49
C ARG A 307 9.74 11.69 -2.47
N GLN A 308 10.30 11.88 -1.28
CA GLN A 308 11.71 12.25 -1.18
C GLN A 308 12.62 11.11 -1.60
N GLU A 309 12.27 9.87 -1.22
CA GLU A 309 13.06 8.72 -1.64
C GLU A 309 13.02 8.54 -3.15
N LEU A 310 11.83 8.70 -3.75
CA LEU A 310 11.73 8.62 -5.20
C LEU A 310 12.50 9.77 -5.86
N HIS A 311 12.44 10.96 -5.27
CA HIS A 311 13.13 12.11 -5.85
C HIS A 311 14.64 11.91 -5.89
N CYS A 312 15.18 11.13 -4.95
CA CYS A 312 16.62 10.85 -4.97
C CYS A 312 16.97 9.80 -6.02
N LEU A 313 16.14 8.77 -6.16
CA LEU A 313 16.37 7.78 -7.20
C LEU A 313 16.28 8.40 -8.58
N LEU A 314 15.25 9.21 -8.82
CA LEU A 314 15.15 9.95 -10.07
C LEU A 314 16.29 10.95 -10.24
N ALA A 315 16.95 11.35 -9.14
CA ALA A 315 17.97 12.39 -9.22
C ALA A 315 19.29 11.84 -9.74
N GLU A 316 19.66 10.61 -9.35
CA GLU A 316 20.91 10.03 -9.83
C GLU A 316 20.85 9.78 -11.33
N PHE A 317 19.67 9.54 -11.87
CA PHE A 317 19.55 9.23 -13.29
C PHE A 317 18.97 10.39 -14.09
N ARG A 318 17.71 10.73 -13.86
CA ARG A 318 17.00 11.63 -14.77
C ARG A 318 16.16 12.67 -14.01
N LEU A 319 16.78 13.40 -13.10
CA LEU A 319 16.13 14.54 -12.46
C LEU A 319 17.19 15.38 -11.76
N VAL A 320 16.79 16.58 -11.35
CA VAL A 320 17.73 17.53 -10.73
C VAL A 320 17.86 17.19 -9.25
N PRO A 321 19.08 17.21 -8.71
CA PRO A 321 19.22 17.04 -7.25
C PRO A 321 18.63 18.23 -6.52
N ARG A 322 17.77 17.94 -5.54
CA ARG A 322 17.04 18.98 -4.83
C ARG A 322 17.92 19.57 -3.72
N GLY A 323 18.13 20.88 -3.78
CA GLY A 323 18.92 21.57 -2.77
C GLY A 323 18.37 22.93 -2.40
N PRO A 333 3.19 23.23 11.32
CA PRO A 333 3.82 24.10 12.33
C PRO A 333 5.19 23.61 12.77
N ARG A 334 5.92 24.44 13.51
CA ARG A 334 7.21 24.08 14.09
C ARG A 334 7.11 23.77 15.58
N GLY A 335 5.90 23.76 16.14
CA GLY A 335 5.74 23.44 17.54
C GLY A 335 4.30 23.59 17.97
N SER A 336 4.10 23.74 19.28
CA SER A 336 2.78 23.94 19.89
C SER A 336 1.84 22.77 19.61
N GLN A 337 2.38 21.55 19.55
CA GLN A 337 1.56 20.37 19.35
C GLN A 337 2.16 19.20 20.12
N VAL A 338 2.74 18.23 19.42
CA VAL A 338 3.44 17.10 20.03
C VAL A 338 4.93 17.41 20.05
N GLN A 339 5.53 17.33 21.23
CA GLN A 339 6.94 17.60 21.41
C GLN A 339 7.64 16.38 21.98
N LEU A 340 8.91 16.21 21.61
CA LEU A 340 9.71 15.06 22.04
C LEU A 340 10.56 15.47 23.24
N VAL A 341 10.23 14.93 24.41
CA VAL A 341 10.98 15.21 25.62
C VAL A 341 12.20 14.29 25.65
N GLU A 342 13.39 14.88 25.69
CA GLU A 342 14.63 14.12 25.75
C GLU A 342 15.27 14.25 27.13
N SER A 343 15.92 13.18 27.58
CA SER A 343 16.55 13.17 28.90
C SER A 343 17.53 12.01 28.96
N GLY A 344 18.66 12.24 29.64
CA GLY A 344 19.63 11.17 29.86
C GLY A 344 21.06 11.54 29.54
N GLY A 345 21.27 12.72 28.98
CA GLY A 345 22.60 13.16 28.60
C GLY A 345 23.46 13.52 29.80
N GLY A 346 24.68 13.92 29.50
CA GLY A 346 25.63 14.34 30.51
C GLY A 346 27.04 13.99 30.11
N LEU A 347 27.94 14.07 31.08
CA LEU A 347 29.35 13.77 30.90
C LEU A 347 29.68 12.45 31.58
N VAL A 348 30.52 11.65 30.94
CA VAL A 348 30.86 10.32 31.45
C VAL A 348 32.23 9.92 30.91
N ARG A 349 33.00 9.22 31.74
CA ARG A 349 34.33 8.80 31.35
C ARG A 349 34.26 7.74 30.25
N PRO A 350 35.30 7.61 29.44
CA PRO A 350 35.31 6.57 28.40
C PRO A 350 35.11 5.18 29.01
N GLY A 351 34.16 4.45 28.44
CA GLY A 351 33.76 3.16 28.98
C GLY A 351 32.56 3.20 29.90
N GLY A 352 32.03 4.38 30.20
CA GLY A 352 30.88 4.51 31.07
C GLY A 352 29.59 4.10 30.40
N SER A 353 28.46 4.55 30.95
CA SER A 353 27.16 4.12 30.45
C SER A 353 26.15 5.25 30.62
N LEU A 354 25.23 5.35 29.66
CA LEU A 354 24.16 6.33 29.69
C LEU A 354 22.89 5.71 29.15
N ARG A 355 21.74 6.27 29.58
CA ARG A 355 20.44 5.87 29.07
C ARG A 355 19.69 7.12 28.62
N LEU A 356 19.48 7.24 27.32
CA LEU A 356 18.68 8.32 26.75
C LEU A 356 17.21 7.93 26.73
N SER A 357 16.35 8.92 26.96
CA SER A 357 14.91 8.70 27.03
C SER A 357 14.19 9.75 26.20
N CYS A 358 13.14 9.32 25.51
CA CYS A 358 12.36 10.19 24.64
C CYS A 358 10.92 9.73 24.65
N ALA A 359 10.00 10.70 24.67
CA ALA A 359 8.57 10.39 24.68
C ALA A 359 7.81 11.55 24.08
N ALA A 360 6.56 11.28 23.69
CA ALA A 360 5.71 12.28 23.06
C ALA A 360 4.89 13.01 24.11
N SER A 361 4.97 14.34 24.09
CA SER A 361 4.29 15.19 25.07
C SER A 361 2.84 15.43 24.74
N GLY A 362 2.27 14.72 23.76
CA GLY A 362 0.87 14.86 23.41
C GLY A 362 0.21 13.49 23.25
N SER A 363 -1.06 13.54 22.88
CA SER A 363 -1.83 12.34 22.58
C SER A 363 -1.86 12.19 21.06
N ILE A 364 -0.93 11.39 20.55
CA ILE A 364 -0.86 11.06 19.13
C ILE A 364 -0.85 9.55 18.99
N PHE A 365 -1.58 9.04 18.00
CA PHE A 365 -1.76 7.62 17.81
C PHE A 365 -1.27 7.13 16.46
N THR A 366 -0.69 8.03 15.65
CA THR A 366 -0.26 7.70 14.30
C THR A 366 1.24 7.51 14.19
N ILE A 367 1.96 7.52 15.31
CA ILE A 367 3.39 7.26 15.28
C ILE A 367 3.62 5.76 15.25
N TYR A 368 4.43 5.29 14.29
CA TYR A 368 4.74 3.88 14.16
C TYR A 368 6.21 3.55 14.37
N ALA A 369 7.09 4.55 14.48
CA ALA A 369 8.51 4.29 14.64
C ALA A 369 9.20 5.54 15.18
N MET A 370 10.25 5.32 15.96
CA MET A 370 11.09 6.40 16.46
C MET A 370 12.54 5.97 16.37
N GLY A 371 13.44 6.95 16.43
CA GLY A 371 14.86 6.66 16.37
C GLY A 371 15.66 7.78 16.99
N TRP A 372 16.98 7.57 17.02
CA TRP A 372 17.92 8.54 17.56
C TRP A 372 18.92 8.96 16.49
N TYR A 373 19.24 10.26 16.47
CA TYR A 373 20.21 10.82 15.56
C TYR A 373 21.18 11.69 16.36
N ARG A 374 22.38 11.86 15.82
CA ARG A 374 23.41 12.66 16.50
C ARG A 374 24.15 13.51 15.48
N GLN A 375 24.84 14.54 15.99
CA GLN A 375 25.58 15.45 15.13
C GLN A 375 26.80 15.96 15.90
N ALA A 376 27.98 15.47 15.52
CA ALA A 376 29.21 15.94 16.12
C ALA A 376 29.62 17.29 15.52
N PRO A 377 30.34 18.11 16.28
CA PRO A 377 30.77 19.41 15.75
C PRO A 377 31.66 19.24 14.53
N GLY A 378 31.24 19.87 13.43
CA GLY A 378 31.95 19.76 12.17
C GLY A 378 31.56 18.57 11.33
N LYS A 379 30.53 17.82 11.74
CA LYS A 379 30.08 16.65 11.00
C LYS A 379 28.58 16.78 10.74
N GLN A 380 28.05 15.84 9.96
CA GLN A 380 26.65 15.89 9.56
C GLN A 380 25.79 15.05 10.51
N ARG A 381 24.47 15.22 10.35
CA ARG A 381 23.52 14.46 11.16
C ARG A 381 23.45 13.02 10.68
N GLU A 382 23.62 12.08 11.61
CA GLU A 382 23.69 10.67 11.27
C GLU A 382 22.77 9.86 12.17
N LEU A 383 22.26 8.76 11.62
CA LEU A 383 21.41 7.85 12.37
C LEU A 383 22.27 6.89 13.19
N VAL A 384 21.80 6.59 14.41
CA VAL A 384 22.57 5.71 15.30
C VAL A 384 21.73 4.52 15.74
N ALA A 385 20.42 4.71 15.87
CA ALA A 385 19.54 3.64 16.31
C ALA A 385 18.10 3.99 15.98
N ARG A 386 17.41 3.09 15.29
CA ARG A 386 16.02 3.27 14.91
C ARG A 386 15.28 1.98 15.20
N ILE A 387 14.12 2.09 15.86
CA ILE A 387 13.28 0.94 16.17
C ILE A 387 11.83 1.28 15.81
N THR A 388 11.16 0.34 15.15
CA THR A 388 9.75 0.48 14.84
C THR A 388 8.91 -0.15 15.95
N PHE A 389 7.63 0.20 15.98
CA PHE A 389 6.73 -0.37 16.98
C PHE A 389 6.41 -1.83 16.70
N GLY A 390 6.74 -2.34 15.51
CA GLY A 390 6.66 -3.76 15.26
C GLY A 390 7.76 -4.57 15.90
N GLY A 391 8.91 -3.95 16.19
CA GLY A 391 10.04 -4.62 16.83
C GLY A 391 11.31 -4.61 16.03
N ASP A 392 11.24 -4.39 14.71
CA ASP A 392 12.42 -4.43 13.86
C ASP A 392 13.35 -3.28 14.18
N THR A 393 14.60 -3.60 14.51
CA THR A 393 15.59 -2.61 14.91
C THR A 393 16.64 -2.43 13.82
N ASN A 394 17.29 -1.28 13.85
CA ASN A 394 18.32 -0.95 12.88
C ASN A 394 19.35 -0.05 13.56
N TYR A 395 20.60 -0.51 13.61
CA TYR A 395 21.68 0.20 14.27
C TYR A 395 22.71 0.67 13.24
N ALA A 396 23.50 1.66 13.65
CA ALA A 396 24.60 2.13 12.82
C ALA A 396 25.78 1.18 12.94
N ASP A 397 26.72 1.30 12.01
CA ASP A 397 27.86 0.40 11.98
C ASP A 397 28.78 0.61 13.18
N SER A 398 29.04 1.88 13.54
CA SER A 398 30.03 2.17 14.56
C SER A 398 29.54 1.84 15.97
N VAL A 399 28.23 1.83 16.20
CA VAL A 399 27.70 1.58 17.53
C VAL A 399 27.10 0.18 17.67
N LYS A 400 26.86 -0.53 16.56
CA LYS A 400 26.27 -1.87 16.65
C LYS A 400 27.10 -2.77 17.55
N GLY A 401 26.43 -3.42 18.50
CA GLY A 401 27.11 -4.22 19.49
C GLY A 401 27.41 -3.50 20.79
N ARG A 402 27.28 -2.18 20.82
CA ARG A 402 27.49 -1.39 22.03
C ARG A 402 26.22 -0.72 22.52
N PHE A 403 25.41 -0.18 21.63
CA PHE A 403 24.16 0.49 21.99
C PHE A 403 22.99 -0.44 21.73
N THR A 404 21.93 -0.28 22.53
CA THR A 404 20.73 -1.11 22.43
C THR A 404 19.51 -0.21 22.55
N ILE A 405 18.65 -0.25 21.53
CA ILE A 405 17.47 0.62 21.47
C ILE A 405 16.23 -0.21 21.84
N SER A 406 15.32 0.43 22.56
CA SER A 406 14.12 -0.24 23.06
C SER A 406 12.93 0.72 22.98
N ARG A 407 11.73 0.16 23.11
CA ARG A 407 10.51 0.87 22.78
C ARG A 407 9.44 0.69 23.85
N ASP A 408 8.46 1.59 23.82
CA ASP A 408 7.20 1.42 24.57
C ASP A 408 6.09 2.01 23.70
N ASN A 409 5.18 1.15 23.24
CA ASN A 409 4.17 1.58 22.29
C ASN A 409 3.07 2.41 22.95
N ALA A 410 2.57 1.95 24.10
CA ALA A 410 1.45 2.63 24.75
C ALA A 410 1.81 4.06 25.17
N LYS A 411 3.09 4.31 25.46
CA LYS A 411 3.52 5.64 25.87
C LYS A 411 4.27 6.39 24.78
N ASN A 412 4.43 5.78 23.60
CA ASN A 412 5.19 6.39 22.49
C ASN A 412 6.58 6.83 22.95
N ALA A 413 7.27 5.93 23.64
CA ALA A 413 8.58 6.21 24.21
C ALA A 413 9.63 5.28 23.62
N VAL A 414 10.86 5.80 23.51
CA VAL A 414 11.98 5.06 22.96
C VAL A 414 13.22 5.37 23.79
N TYR A 415 13.90 4.33 24.26
CA TYR A 415 15.08 4.45 25.11
C TYR A 415 16.29 3.86 24.40
N LEU A 416 17.45 4.50 24.57
CA LEU A 416 18.70 4.08 23.94
C LEU A 416 19.76 3.87 25.03
N GLN A 417 20.04 2.61 25.34
CA GLN A 417 21.10 2.28 26.29
C GLN A 417 22.45 2.36 25.59
N MET A 418 23.36 3.15 26.14
CA MET A 418 24.67 3.39 25.53
C MET A 418 25.75 2.86 26.47
N ASN A 419 26.11 1.59 26.30
CA ASN A 419 27.17 0.97 27.07
C ASN A 419 28.50 1.07 26.32
N SER A 420 29.59 1.10 27.08
CA SER A 420 30.95 1.14 26.55
C SER A 420 31.13 2.35 25.62
N LEU A 421 30.91 3.54 26.18
CA LEU A 421 30.97 4.76 25.39
C LEU A 421 32.41 5.09 25.01
N LYS A 422 32.56 5.63 23.80
CA LYS A 422 33.86 6.01 23.28
C LYS A 422 33.91 7.51 23.04
N PRO A 423 35.09 8.13 23.10
CA PRO A 423 35.20 9.57 22.84
C PRO A 423 34.70 9.98 21.46
N GLU A 424 34.67 9.07 20.50
CA GLU A 424 34.13 9.36 19.18
C GLU A 424 32.62 9.54 19.21
N ASP A 425 31.95 9.07 20.27
CA ASP A 425 30.51 9.18 20.41
C ASP A 425 30.08 10.54 20.97
N THR A 426 31.02 11.47 21.13
CA THR A 426 30.69 12.79 21.65
C THR A 426 29.96 13.59 20.57
N ALA A 427 28.67 13.79 20.76
CA ALA A 427 27.85 14.52 19.79
C ALA A 427 26.56 14.94 20.49
N VAL A 428 25.75 15.72 19.77
CA VAL A 428 24.44 16.14 20.24
C VAL A 428 23.41 15.15 19.72
N TYR A 429 22.77 14.42 20.62
CA TYR A 429 21.86 13.34 20.24
C TYR A 429 20.43 13.87 20.17
N TYR A 430 19.82 13.72 18.99
CA TYR A 430 18.46 14.18 18.73
C TYR A 430 17.51 12.98 18.65
N CYS A 431 16.28 13.20 19.10
CA CYS A 431 15.23 12.19 19.04
C CYS A 431 14.28 12.50 17.88
N ASN A 432 13.91 11.45 17.14
CA ASN A 432 13.06 11.58 15.97
C ASN A 432 11.91 10.58 16.06
N ALA A 433 10.74 11.00 15.57
CA ALA A 433 9.56 10.16 15.53
C ALA A 433 8.97 10.17 14.12
N GLU A 434 8.52 9.01 13.67
CA GLU A 434 7.93 8.86 12.35
C GLU A 434 6.44 8.54 12.47
N GLU A 435 5.67 8.97 11.46
CA GLU A 435 4.23 8.89 11.47
C GLU A 435 3.72 8.06 10.31
N THR A 436 2.59 7.39 10.51
CA THR A 436 2.07 6.46 9.52
C THR A 436 1.21 7.17 8.49
N ILE A 437 0.86 6.43 7.43
CA ILE A 437 0.05 6.91 6.32
C ILE A 437 0.75 8.06 5.60
N VAL A 438 0.81 9.23 6.25
CA VAL A 438 1.43 10.39 5.62
C VAL A 438 2.95 10.19 5.48
N GLU A 439 3.55 9.41 6.38
CA GLU A 439 4.97 9.05 6.31
C GLU A 439 5.87 10.28 6.48
N GLU A 440 5.60 11.05 7.53
CA GLU A 440 6.41 12.21 7.87
C GLU A 440 7.27 11.90 9.09
N ALA A 441 8.45 12.52 9.11
CA ALA A 441 9.40 12.38 10.21
C ALA A 441 9.90 13.73 10.67
N ASP A 442 9.00 14.73 10.71
CA ASP A 442 9.35 16.07 11.18
C ASP A 442 9.11 16.25 12.68
N TYR A 443 9.07 15.15 13.44
CA TYR A 443 9.02 15.20 14.89
C TYR A 443 10.44 15.09 15.42
N TRP A 444 10.98 16.19 15.94
CA TRP A 444 12.34 16.21 16.45
C TRP A 444 12.35 16.76 17.87
N GLY A 445 13.34 16.31 18.64
CA GLY A 445 13.52 16.80 19.99
C GLY A 445 14.47 17.97 20.06
N GLN A 446 14.54 18.58 21.25
CA GLN A 446 15.41 19.73 21.43
C GLN A 446 16.89 19.33 21.29
N GLY A 447 17.22 18.09 21.63
CA GLY A 447 18.59 17.64 21.54
C GLY A 447 19.29 17.61 22.88
N THR A 448 19.86 16.47 23.25
CA THR A 448 20.60 16.31 24.49
C THR A 448 22.08 16.10 24.18
N GLN A 449 22.93 16.58 25.08
CA GLN A 449 24.38 16.56 24.89
C GLN A 449 25.00 15.34 25.55
N VAL A 450 25.95 14.72 24.85
CA VAL A 450 26.69 13.57 25.35
C VAL A 450 28.16 13.84 25.12
N THR A 451 28.90 14.06 26.21
CA THR A 451 30.33 14.31 26.17
C THR A 451 31.06 13.17 26.86
N VAL A 452 32.08 12.62 26.20
CA VAL A 452 32.86 11.50 26.72
C VAL A 452 34.32 11.89 26.93
N SER A 453 34.92 12.54 25.95
CA SER A 453 36.33 12.94 26.00
C SER A 453 36.43 14.30 26.70
N SER A 454 36.81 14.30 27.96
CA SER A 454 36.87 15.52 28.76
C SER A 454 38.14 15.47 29.62
N ARG A 455 38.21 16.37 30.60
CA ARG A 455 39.36 16.50 31.47
C ARG A 455 39.12 15.73 32.76
N LEU A 456 39.98 14.75 33.04
CA LEU A 456 39.87 13.92 34.23
C LEU A 456 41.23 13.83 34.91
N GLU A 457 41.24 13.93 36.24
CA GLU A 457 42.46 13.80 37.01
C GLU A 457 42.68 12.35 37.42
N VAL A 458 43.83 12.11 38.05
CA VAL A 458 44.23 10.76 38.45
C VAL A 458 43.23 10.17 39.44
#